data_1ZNA
# 
_entry.id   1ZNA 
# 
_audit_conform.dict_name       mmcif_pdbx.dic 
_audit_conform.dict_version    5.392 
_audit_conform.dict_location   http://mmcif.pdb.org/dictionaries/ascii/mmcif_pdbx.dic 
# 
loop_
_database_2.database_id 
_database_2.database_code 
_database_2.pdbx_database_accession 
_database_2.pdbx_DOI 
PDB   1ZNA         pdb_00001zna 10.2210/pdb1zna/pdb 
RCSB  ZDD015       ?            ?                   
WWPDB D_1000177491 ?            ?                   
# 
loop_
_pdbx_audit_revision_history.ordinal 
_pdbx_audit_revision_history.data_content_type 
_pdbx_audit_revision_history.major_revision 
_pdbx_audit_revision_history.minor_revision 
_pdbx_audit_revision_history.revision_date 
1 'Structure model' 1 0 1981-03-18 
2 'Structure model' 1 1 2008-05-22 
3 'Structure model' 1 2 2011-07-13 
4 'Structure model' 2 0 2023-07-26 
5 'Structure model' 3 0 2024-05-22 
# 
loop_
_pdbx_audit_revision_details.ordinal 
_pdbx_audit_revision_details.revision_ordinal 
_pdbx_audit_revision_details.data_content_type 
_pdbx_audit_revision_details.provider 
_pdbx_audit_revision_details.type 
_pdbx_audit_revision_details.description 
_pdbx_audit_revision_details.details 
1 1 'Structure model' repository 'Initial release' ? ? 
2 4 'Structure model' repository Remediation       ? 
'Coordinates and structure factor indices updated from space group #20 setting B 2 21 2 to more widely recognized setting C 2 2 21' 
# 
loop_
_pdbx_audit_revision_group.ordinal 
_pdbx_audit_revision_group.revision_ordinal 
_pdbx_audit_revision_group.data_content_type 
_pdbx_audit_revision_group.group 
1  2 'Structure model' 'Version format compliance' 
2  3 'Structure model' 'Version format compliance' 
3  4 'Structure model' Advisory                    
4  4 'Structure model' 'Atomic model'              
5  4 'Structure model' 'Data collection'           
6  4 'Structure model' 'Database references'       
7  4 'Structure model' 'Derived calculations'      
8  4 'Structure model' Other                       
9  5 'Structure model' 'Atomic model'              
10 5 'Structure model' 'Data collection'           
# 
loop_
_pdbx_audit_revision_category.ordinal 
_pdbx_audit_revision_category.revision_ordinal 
_pdbx_audit_revision_category.data_content_type 
_pdbx_audit_revision_category.category 
1  4 'Structure model' atom_site                    
2  4 'Structure model' atom_sites                   
3  4 'Structure model' cell                         
4  4 'Structure model' database_2                   
5  4 'Structure model' database_PDB_matrix          
6  4 'Structure model' pdbx_struct_special_symmetry 
7  4 'Structure model' pdbx_validate_close_contact  
8  4 'Structure model' pdbx_validate_symm_contact   
9  4 'Structure model' symmetry                     
10 5 'Structure model' atom_site                    
11 5 'Structure model' chem_comp_atom               
12 5 'Structure model' chem_comp_bond               
# 
loop_
_pdbx_audit_revision_item.ordinal 
_pdbx_audit_revision_item.revision_ordinal 
_pdbx_audit_revision_item.data_content_type 
_pdbx_audit_revision_item.item 
1  4 'Structure model' '_atom_site.B_iso_or_equiv'             
2  4 'Structure model' '_atom_site.Cartn_x'                    
3  4 'Structure model' '_atom_site.Cartn_y'                    
4  4 'Structure model' '_atom_site.Cartn_z'                    
5  4 'Structure model' '_atom_site.occupancy'                  
6  4 'Structure model' '_atom_sites.fract_transf_matrix[1][1]' 
7  4 'Structure model' '_atom_sites.fract_transf_matrix[2][2]' 
8  4 'Structure model' '_atom_sites.fract_transf_matrix[3][3]' 
9  4 'Structure model' '_cell.length_a'                        
10 4 'Structure model' '_cell.length_b'                        
11 4 'Structure model' '_cell.length_c'                        
12 4 'Structure model' '_database_2.pdbx_DOI'                  
13 4 'Structure model' '_database_2.pdbx_database_accession'   
14 4 'Structure model' '_database_PDB_matrix.origx[1][1]'      
15 4 'Structure model' '_database_PDB_matrix.origx[1][2]'      
16 4 'Structure model' '_database_PDB_matrix.origx[2][2]'      
17 4 'Structure model' '_database_PDB_matrix.origx[2][3]'      
18 4 'Structure model' '_database_PDB_matrix.origx[3][1]'      
19 4 'Structure model' '_database_PDB_matrix.origx[3][3]'      
20 4 'Structure model' '_symmetry.space_group_name_H-M'        
21 5 'Structure model' '_atom_site.occupancy'                  
# 
_pdbx_database_status.status_code                     REL 
_pdbx_database_status.entry_id                        1ZNA 
_pdbx_database_status.recvd_initial_deposition_date   1981-01-26 
_pdbx_database_status.deposit_site                    BNL 
_pdbx_database_status.process_site                    BNL 
_pdbx_database_status.status_code_sf                  REL 
_pdbx_database_status.status_code_mr                  ? 
_pdbx_database_status.SG_entry                        ? 
_pdbx_database_status.pdb_format_compatible           Y 
_pdbx_database_status.status_code_cs                  ? 
_pdbx_database_status.status_code_nmr_data            ? 
_pdbx_database_status.methods_development_category    ? 
# 
loop_
_audit_author.name 
_audit_author.pdbx_ordinal 
'Drew, H.R.'      1 
'Dickerson, R.E.' 2 
# 
loop_
_citation.id 
_citation.title 
_citation.journal_abbrev 
_citation.journal_volume 
_citation.page_first 
_citation.page_last 
_citation.year 
_citation.journal_id_ASTM 
_citation.country 
_citation.journal_id_ISSN 
_citation.journal_id_CSD 
_citation.book_publisher 
_citation.pdbx_database_id_PubMed 
_citation.pdbx_database_id_DOI 
primary 'Conformation and dynamics in a Z-DNA tetramer.'         J.Mol.Biol. 152 723 736 1981 JMOBAK UK 0022-2836 0070 ? 7334519 
'10.1016/0022-2836(81)90124-8' 
1       'High-Salt d(CpGpCpG), a Left-Handed Z DNA Double Helix' Nature      286 567 573 1980 NATUAS UK 0028-0836 0006 ? ?       ? 
# 
loop_
_citation_author.citation_id 
_citation_author.name 
_citation_author.ordinal 
_citation_author.identifier_ORCID 
primary 'Drew, H.R.'      1 ? 
primary 'Dickerson, R.E.' 2 ? 
1       'Drew, H.'        3 ? 
1       'Takano, T.'      4 ? 
1       'Tanaka, S.'      5 ? 
1       'Itakura, K.'     6 ? 
1       'Dickerson, R.E.' 7 ? 
# 
loop_
_entity.id 
_entity.type 
_entity.src_method 
_entity.pdbx_description 
_entity.formula_weight 
_entity.pdbx_number_of_molecules 
_entity.pdbx_ec 
_entity.pdbx_mutation 
_entity.pdbx_fragment 
_entity.details 
1 polymer syn 
;DNA (5'-D(*CP*GP*CP*G)-3')
;
1191.818 2  ? ? ? ? 
2 water   nat water                        18.015   84 ? ? ? ? 
# 
_entity_poly.entity_id                      1 
_entity_poly.type                           polydeoxyribonucleotide 
_entity_poly.nstd_linkage                   no 
_entity_poly.nstd_monomer                   no 
_entity_poly.pdbx_seq_one_letter_code       '(DC)(DG)(DC)(DG)' 
_entity_poly.pdbx_seq_one_letter_code_can   CGCG 
_entity_poly.pdbx_strand_id                 A,B 
_entity_poly.pdbx_target_identifier         ? 
# 
_pdbx_entity_nonpoly.entity_id   2 
_pdbx_entity_nonpoly.name        water 
_pdbx_entity_nonpoly.comp_id     HOH 
# 
loop_
_entity_poly_seq.entity_id 
_entity_poly_seq.num 
_entity_poly_seq.mon_id 
_entity_poly_seq.hetero 
1 1 DC n 
1 2 DG n 
1 3 DC n 
1 4 DG n 
# 
loop_
_chem_comp.id 
_chem_comp.type 
_chem_comp.mon_nstd_flag 
_chem_comp.name 
_chem_comp.pdbx_synonyms 
_chem_comp.formula 
_chem_comp.formula_weight 
DC  'DNA linking' y "2'-DEOXYCYTIDINE-5'-MONOPHOSPHATE"  ? 'C9 H14 N3 O7 P'  307.197 
DG  'DNA linking' y "2'-DEOXYGUANOSINE-5'-MONOPHOSPHATE" ? 'C10 H14 N5 O7 P' 347.221 
HOH non-polymer   . WATER                                ? 'H2 O'            18.015  
# 
loop_
_pdbx_poly_seq_scheme.asym_id 
_pdbx_poly_seq_scheme.entity_id 
_pdbx_poly_seq_scheme.seq_id 
_pdbx_poly_seq_scheme.mon_id 
_pdbx_poly_seq_scheme.ndb_seq_num 
_pdbx_poly_seq_scheme.pdb_seq_num 
_pdbx_poly_seq_scheme.auth_seq_num 
_pdbx_poly_seq_scheme.pdb_mon_id 
_pdbx_poly_seq_scheme.auth_mon_id 
_pdbx_poly_seq_scheme.pdb_strand_id 
_pdbx_poly_seq_scheme.pdb_ins_code 
_pdbx_poly_seq_scheme.hetero 
A 1 1 DC 1 1 1 DC C A . n 
A 1 2 DG 2 2 2 DG G A . n 
A 1 3 DC 3 3 3 DC C A . n 
A 1 4 DG 4 4 4 DG G A . n 
B 1 1 DC 1 5 5 DC C B . n 
B 1 2 DG 2 6 6 DG G B . n 
B 1 3 DC 3 7 7 DC C B . n 
B 1 4 DG 4 8 8 DG G B . n 
# 
loop_
_pdbx_nonpoly_scheme.asym_id 
_pdbx_nonpoly_scheme.entity_id 
_pdbx_nonpoly_scheme.mon_id 
_pdbx_nonpoly_scheme.ndb_seq_num 
_pdbx_nonpoly_scheme.pdb_seq_num 
_pdbx_nonpoly_scheme.auth_seq_num 
_pdbx_nonpoly_scheme.pdb_mon_id 
_pdbx_nonpoly_scheme.auth_mon_id 
_pdbx_nonpoly_scheme.pdb_strand_id 
_pdbx_nonpoly_scheme.pdb_ins_code 
C 2 HOH 1  9  9  HOH HOH A . 
C 2 HOH 2  12 12 HOH HOH A . 
C 2 HOH 3  15 15 HOH HOH A . 
C 2 HOH 4  16 16 HOH HOH A . 
C 2 HOH 5  17 17 HOH HOH A . 
C 2 HOH 6  20 20 HOH HOH A . 
C 2 HOH 7  22 22 HOH HOH A . 
C 2 HOH 8  23 23 HOH HOH A . 
C 2 HOH 9  24 24 HOH HOH A . 
C 2 HOH 10 25 25 HOH HOH A . 
C 2 HOH 11 27 27 HOH HOH A . 
C 2 HOH 12 28 28 HOH HOH A . 
C 2 HOH 13 29 29 HOH HOH A . 
C 2 HOH 14 30 30 HOH HOH A . 
C 2 HOH 15 32 32 HOH HOH A . 
C 2 HOH 16 33 33 HOH HOH A . 
C 2 HOH 17 34 34 HOH HOH A . 
C 2 HOH 18 37 37 HOH HOH A . 
C 2 HOH 19 41 41 HOH HOH A . 
C 2 HOH 20 42 42 HOH HOH A . 
C 2 HOH 21 44 44 HOH HOH A . 
C 2 HOH 22 47 47 HOH HOH A . 
C 2 HOH 23 48 48 HOH HOH A . 
C 2 HOH 24 49 49 HOH HOH A . 
C 2 HOH 25 52 52 HOH HOH A . 
C 2 HOH 26 54 54 HOH HOH A . 
C 2 HOH 27 55 55 HOH HOH A . 
C 2 HOH 28 57 57 HOH HOH A . 
C 2 HOH 29 58 58 HOH HOH A . 
C 2 HOH 30 60 60 HOH HOH A . 
C 2 HOH 31 62 62 HOH HOH A . 
C 2 HOH 32 63 63 HOH HOH A . 
C 2 HOH 33 64 64 HOH HOH A . 
C 2 HOH 34 68 68 HOH HOH A . 
C 2 HOH 35 70 70 HOH HOH A . 
C 2 HOH 36 71 71 HOH HOH A . 
C 2 HOH 37 73 73 HOH HOH A . 
C 2 HOH 38 74 74 HOH HOH A . 
C 2 HOH 39 76 76 HOH HOH A . 
C 2 HOH 40 77 77 HOH HOH A . 
C 2 HOH 41 79 79 HOH HOH A . 
C 2 HOH 42 80 80 HOH HOH A . 
C 2 HOH 43 81 81 HOH HOH A . 
C 2 HOH 44 82 82 HOH HOH A . 
C 2 HOH 45 84 84 HOH HOH A . 
C 2 HOH 46 85 85 HOH HOH A . 
C 2 HOH 47 89 89 HOH HOH A . 
C 2 HOH 48 90 90 HOH HOH A . 
C 2 HOH 49 91 91 HOH HOH A . 
C 2 HOH 50 92 92 HOH HOH A . 
D 2 HOH 1  10 10 HOH HOH B . 
D 2 HOH 2  11 11 HOH HOH B . 
D 2 HOH 3  13 13 HOH HOH B . 
D 2 HOH 4  14 14 HOH HOH B . 
D 2 HOH 5  18 18 HOH HOH B . 
D 2 HOH 6  19 19 HOH HOH B . 
D 2 HOH 7  21 21 HOH HOH B . 
D 2 HOH 8  26 26 HOH HOH B . 
D 2 HOH 9  31 31 HOH HOH B . 
D 2 HOH 10 35 35 HOH HOH B . 
D 2 HOH 11 36 36 HOH HOH B . 
D 2 HOH 12 38 38 HOH HOH B . 
D 2 HOH 13 39 39 HOH HOH B . 
D 2 HOH 14 40 40 HOH HOH B . 
D 2 HOH 15 43 43 HOH HOH B . 
D 2 HOH 16 45 45 HOH HOH B . 
D 2 HOH 17 46 46 HOH HOH B . 
D 2 HOH 18 50 50 HOH HOH B . 
D 2 HOH 19 51 51 HOH HOH B . 
D 2 HOH 20 53 53 HOH HOH B . 
D 2 HOH 21 56 56 HOH HOH B . 
D 2 HOH 22 59 59 HOH HOH B . 
D 2 HOH 23 61 61 HOH HOH B . 
D 2 HOH 24 65 65 HOH HOH B . 
D 2 HOH 25 66 66 HOH HOH B . 
D 2 HOH 26 67 67 HOH HOH B . 
D 2 HOH 27 69 69 HOH HOH B . 
D 2 HOH 28 72 72 HOH HOH B . 
D 2 HOH 29 75 75 HOH HOH B . 
D 2 HOH 30 78 78 HOH HOH B . 
D 2 HOH 31 83 83 HOH HOH B . 
D 2 HOH 32 86 86 HOH HOH B . 
D 2 HOH 33 87 87 HOH HOH B . 
D 2 HOH 34 88 88 HOH HOH B . 
# 
_software.name             JACK-LEVITT 
_software.classification   refinement 
_software.version          . 
_software.citation_id      ? 
_software.pdbx_ordinal     1 
# 
_cell.entry_id           1ZNA 
_cell.length_a           19.500 
_cell.length_b           31.270 
_cell.length_c           64.670 
_cell.angle_alpha        90.00 
_cell.angle_beta         90.00 
_cell.angle_gamma        90.00 
_cell.Z_PDB              16 
_cell.pdbx_unique_axis   ? 
# 
_symmetry.entry_id                         1ZNA 
_symmetry.space_group_name_H-M             'C 2 2 21' 
_symmetry.pdbx_full_space_group_name_H-M   ? 
_symmetry.cell_setting                     ? 
_symmetry.Int_Tables_number                20 
# 
_exptl.entry_id          1ZNA 
_exptl.method            'X-RAY DIFFRACTION' 
_exptl.crystals_number   ? 
# 
_exptl_crystal.id                    1 
_exptl_crystal.density_meas          1.6000 
_exptl_crystal.density_Matthews      1.96 
_exptl_crystal.density_percent_sol   37.33 
_exptl_crystal.description           ? 
# 
_exptl_crystal_grow.crystal_id      1 
_exptl_crystal_grow.method          'VAPOR DIFFUSION' 
_exptl_crystal_grow.temp            ? 
_exptl_crystal_grow.temp_details    ? 
_exptl_crystal_grow.pH              ? 
_exptl_crystal_grow.pdbx_details    'VAPOR DIFFUSION' 
_exptl_crystal_grow.pdbx_pH_range   ? 
# 
loop_
_exptl_crystal_grow_comp.crystal_id 
_exptl_crystal_grow_comp.id 
_exptl_crystal_grow_comp.sol_id 
_exptl_crystal_grow_comp.name 
_exptl_crystal_grow_comp.volume 
_exptl_crystal_grow_comp.conc 
_exptl_crystal_grow_comp.details 
1 1 1 WATER ? ? ? 
1 2 1 MPD   ? ? ? 
1 3 1 MGCL2 ? ? ? 
# 
_reflns.entry_id                     1ZNA 
_reflns.observed_criterion_sigma_I   ? 
_reflns.observed_criterion_sigma_F   ? 
_reflns.d_resolution_low             ? 
_reflns.d_resolution_high            1.500 
_reflns.number_obs                   ? 
_reflns.number_all                   ? 
_reflns.percent_possible_obs         ? 
_reflns.pdbx_Rmerge_I_obs            ? 
_reflns.pdbx_Rsym_value              ? 
_reflns.pdbx_netI_over_sigmaI        ? 
_reflns.B_iso_Wilson_estimate        ? 
_reflns.pdbx_redundancy              ? 
_reflns.pdbx_diffrn_id               1 
_reflns.pdbx_ordinal                 1 
# 
_refine.entry_id                                 1ZNA 
_refine.ls_number_reflns_obs                     1900 
_refine.ls_number_reflns_all                     ? 
_refine.pdbx_ls_sigma_I                          ? 
_refine.pdbx_ls_sigma_F                          2.000 
_refine.pdbx_data_cutoff_high_absF               ? 
_refine.pdbx_data_cutoff_low_absF                ? 
_refine.pdbx_data_cutoff_high_rms_absF           ? 
_refine.ls_d_res_low                             5.500 
_refine.ls_d_res_high                            1.500 
_refine.ls_percent_reflns_obs                    ? 
_refine.ls_R_factor_obs                          0.2100000 
_refine.ls_R_factor_all                          ? 
_refine.ls_R_factor_R_work                       ? 
_refine.ls_R_factor_R_free                       ? 
_refine.ls_R_factor_R_free_error                 ? 
_refine.ls_R_factor_R_free_error_details         ? 
_refine.ls_percent_reflns_R_free                 ? 
_refine.ls_number_reflns_R_free                  ? 
_refine.ls_number_parameters                     ? 
_refine.ls_number_restraints                     ? 
_refine.occupancy_min                            ? 
_refine.occupancy_max                            ? 
_refine.B_iso_mean                               ? 
_refine.aniso_B[1][1]                            ? 
_refine.aniso_B[2][2]                            ? 
_refine.aniso_B[3][3]                            ? 
_refine.aniso_B[1][2]                            ? 
_refine.aniso_B[1][3]                            ? 
_refine.aniso_B[2][3]                            ? 
_refine.solvent_model_details                    ? 
_refine.solvent_model_param_ksol                 ? 
_refine.solvent_model_param_bsol                 ? 
_refine.pdbx_ls_cross_valid_method               ? 
_refine.details                                  ? 
_refine.pdbx_starting_model                      ? 
_refine.pdbx_method_to_determine_struct          ? 
_refine.pdbx_isotropic_thermal_model             ? 
_refine.pdbx_stereochemistry_target_values       ? 
_refine.pdbx_stereochem_target_val_spec_case     ? 
_refine.pdbx_R_Free_selection_details            ? 
_refine.pdbx_overall_ESU_R                       ? 
_refine.pdbx_overall_ESU_R_Free                  ? 
_refine.overall_SU_ML                            ? 
_refine.overall_SU_B                             ? 
_refine.pdbx_refine_id                           'X-RAY DIFFRACTION' 
_refine.pdbx_diffrn_id                           1 
_refine.pdbx_TLS_residual_ADP_flag               ? 
_refine.correlation_coeff_Fo_to_Fc               ? 
_refine.correlation_coeff_Fo_to_Fc_free          ? 
_refine.pdbx_solvent_vdw_probe_radii             ? 
_refine.pdbx_solvent_ion_probe_radii             ? 
_refine.pdbx_solvent_shrinkage_radii             ? 
_refine.pdbx_overall_phase_error                 ? 
_refine.overall_SU_R_Cruickshank_DPI             ? 
_refine.pdbx_overall_SU_R_free_Cruickshank_DPI   ? 
_refine.pdbx_overall_SU_R_Blow_DPI               ? 
_refine.pdbx_overall_SU_R_free_Blow_DPI          ? 
# 
_refine_hist.pdbx_refine_id                   'X-RAY DIFFRACTION' 
_refine_hist.cycle_id                         LAST 
_refine_hist.pdbx_number_atoms_protein        0 
_refine_hist.pdbx_number_atoms_nucleic_acid   158 
_refine_hist.pdbx_number_atoms_ligand         0 
_refine_hist.number_atoms_solvent             84 
_refine_hist.number_atoms_total               242 
_refine_hist.d_res_high                       1.500 
_refine_hist.d_res_low                        5.500 
# 
_struct.entry_id                  1ZNA 
_struct.title                     'CONFORMATION AND DYNAMICS IN A Z-DNA TETRAMER' 
_struct.pdbx_model_details        ? 
_struct.pdbx_CASP_flag            ? 
_struct.pdbx_model_type_details   ? 
# 
_struct_keywords.entry_id        1ZNA 
_struct_keywords.pdbx_keywords   DNA 
_struct_keywords.text            'Z-DNA, DOUBLE HELIX, DNA' 
# 
loop_
_struct_asym.id 
_struct_asym.pdbx_blank_PDB_chainid_flag 
_struct_asym.pdbx_modified 
_struct_asym.entity_id 
_struct_asym.details 
A N N 1 ? 
B N N 1 ? 
C N N 2 ? 
D N N 2 ? 
# 
_struct_ref.id                         1 
_struct_ref.entity_id                  1 
_struct_ref.db_name                    PDB 
_struct_ref.db_code                    1ZNA 
_struct_ref.pdbx_db_accession          1ZNA 
_struct_ref.pdbx_db_isoform            ? 
_struct_ref.pdbx_seq_one_letter_code   ? 
_struct_ref.pdbx_align_begin           ? 
# 
loop_
_struct_ref_seq.align_id 
_struct_ref_seq.ref_id 
_struct_ref_seq.pdbx_PDB_id_code 
_struct_ref_seq.pdbx_strand_id 
_struct_ref_seq.seq_align_beg 
_struct_ref_seq.pdbx_seq_align_beg_ins_code 
_struct_ref_seq.seq_align_end 
_struct_ref_seq.pdbx_seq_align_end_ins_code 
_struct_ref_seq.pdbx_db_accession 
_struct_ref_seq.db_align_beg 
_struct_ref_seq.pdbx_db_align_beg_ins_code 
_struct_ref_seq.db_align_end 
_struct_ref_seq.pdbx_db_align_end_ins_code 
_struct_ref_seq.pdbx_auth_seq_align_beg 
_struct_ref_seq.pdbx_auth_seq_align_end 
1 1 1ZNA A 1 ? 4 ? 1ZNA 1 ? 4 ? 1 4 
2 1 1ZNA B 1 ? 4 ? 1ZNA 5 ? 8 ? 5 8 
# 
_pdbx_struct_assembly.id                   1 
_pdbx_struct_assembly.details              author_defined_assembly 
_pdbx_struct_assembly.method_details       ? 
_pdbx_struct_assembly.oligomeric_details   dimeric 
_pdbx_struct_assembly.oligomeric_count     2 
# 
_pdbx_struct_assembly_gen.assembly_id       1 
_pdbx_struct_assembly_gen.oper_expression   1 
_pdbx_struct_assembly_gen.asym_id_list      A,B,C,D 
# 
_pdbx_struct_oper_list.id                   1 
_pdbx_struct_oper_list.type                 'identity operation' 
_pdbx_struct_oper_list.name                 1_555 
_pdbx_struct_oper_list.symmetry_operation   x,y,z 
_pdbx_struct_oper_list.matrix[1][1]         1.0000000000 
_pdbx_struct_oper_list.matrix[1][2]         0.0000000000 
_pdbx_struct_oper_list.matrix[1][3]         0.0000000000 
_pdbx_struct_oper_list.vector[1]            0.0000000000 
_pdbx_struct_oper_list.matrix[2][1]         0.0000000000 
_pdbx_struct_oper_list.matrix[2][2]         1.0000000000 
_pdbx_struct_oper_list.matrix[2][3]         0.0000000000 
_pdbx_struct_oper_list.vector[2]            0.0000000000 
_pdbx_struct_oper_list.matrix[3][1]         0.0000000000 
_pdbx_struct_oper_list.matrix[3][2]         0.0000000000 
_pdbx_struct_oper_list.matrix[3][3]         1.0000000000 
_pdbx_struct_oper_list.vector[3]            0.0000000000 
# 
_struct_biol.id   1 
# 
loop_
_struct_conn.id 
_struct_conn.conn_type_id 
_struct_conn.pdbx_leaving_atom_flag 
_struct_conn.pdbx_PDB_id 
_struct_conn.ptnr1_label_asym_id 
_struct_conn.ptnr1_label_comp_id 
_struct_conn.ptnr1_label_seq_id 
_struct_conn.ptnr1_label_atom_id 
_struct_conn.pdbx_ptnr1_label_alt_id 
_struct_conn.pdbx_ptnr1_PDB_ins_code 
_struct_conn.pdbx_ptnr1_standard_comp_id 
_struct_conn.ptnr1_symmetry 
_struct_conn.ptnr2_label_asym_id 
_struct_conn.ptnr2_label_comp_id 
_struct_conn.ptnr2_label_seq_id 
_struct_conn.ptnr2_label_atom_id 
_struct_conn.pdbx_ptnr2_label_alt_id 
_struct_conn.pdbx_ptnr2_PDB_ins_code 
_struct_conn.ptnr1_auth_asym_id 
_struct_conn.ptnr1_auth_comp_id 
_struct_conn.ptnr1_auth_seq_id 
_struct_conn.ptnr2_auth_asym_id 
_struct_conn.ptnr2_auth_comp_id 
_struct_conn.ptnr2_auth_seq_id 
_struct_conn.ptnr2_symmetry 
_struct_conn.pdbx_ptnr3_label_atom_id 
_struct_conn.pdbx_ptnr3_label_seq_id 
_struct_conn.pdbx_ptnr3_label_comp_id 
_struct_conn.pdbx_ptnr3_label_asym_id 
_struct_conn.pdbx_ptnr3_label_alt_id 
_struct_conn.pdbx_ptnr3_PDB_ins_code 
_struct_conn.details 
_struct_conn.pdbx_dist_value 
_struct_conn.pdbx_value_order 
_struct_conn.pdbx_role 
hydrog1  hydrog ? ? A DC 1 N3 ? ? ? 1_555 B DG 4 N1 ? ? A DC 1 B DG 8 1_555 ? ? ? ? ? ? WATSON-CRICK ? ? ? 
hydrog2  hydrog ? ? A DC 1 N4 ? ? ? 1_555 B DG 4 O6 ? ? A DC 1 B DG 8 1_555 ? ? ? ? ? ? WATSON-CRICK ? ? ? 
hydrog3  hydrog ? ? A DC 1 O2 ? ? ? 1_555 B DG 4 N2 ? ? A DC 1 B DG 8 1_555 ? ? ? ? ? ? WATSON-CRICK ? ? ? 
hydrog4  hydrog ? ? A DG 2 N1 ? ? ? 1_555 B DC 3 N3 ? ? A DG 2 B DC 7 1_555 ? ? ? ? ? ? WATSON-CRICK ? ? ? 
hydrog5  hydrog ? ? A DG 2 N2 ? ? ? 1_555 B DC 3 O2 ? ? A DG 2 B DC 7 1_555 ? ? ? ? ? ? WATSON-CRICK ? ? ? 
hydrog6  hydrog ? ? A DG 2 O6 ? ? ? 1_555 B DC 3 N4 ? ? A DG 2 B DC 7 1_555 ? ? ? ? ? ? WATSON-CRICK ? ? ? 
hydrog7  hydrog ? ? A DC 3 N3 ? ? ? 1_555 B DG 2 N1 ? ? A DC 3 B DG 6 1_555 ? ? ? ? ? ? WATSON-CRICK ? ? ? 
hydrog8  hydrog ? ? A DC 3 N4 ? ? ? 1_555 B DG 2 O6 ? ? A DC 3 B DG 6 1_555 ? ? ? ? ? ? WATSON-CRICK ? ? ? 
hydrog9  hydrog ? ? A DC 3 O2 ? ? ? 1_555 B DG 2 N2 ? ? A DC 3 B DG 6 1_555 ? ? ? ? ? ? WATSON-CRICK ? ? ? 
hydrog10 hydrog ? ? A DG 4 N1 ? ? ? 1_555 B DC 1 N3 ? ? A DG 4 B DC 5 1_555 ? ? ? ? ? ? WATSON-CRICK ? ? ? 
hydrog11 hydrog ? ? A DG 4 N2 ? ? ? 1_555 B DC 1 O2 ? ? A DG 4 B DC 5 1_555 ? ? ? ? ? ? WATSON-CRICK ? ? ? 
hydrog12 hydrog ? ? A DG 4 O6 ? ? ? 1_555 B DC 1 N4 ? ? A DG 4 B DC 5 1_555 ? ? ? ? ? ? WATSON-CRICK ? ? ? 
# 
_struct_conn_type.id          hydrog 
_struct_conn_type.criteria    ? 
_struct_conn_type.reference   ? 
# 
loop_
_pdbx_validate_close_contact.id 
_pdbx_validate_close_contact.PDB_model_num 
_pdbx_validate_close_contact.auth_atom_id_1 
_pdbx_validate_close_contact.auth_asym_id_1 
_pdbx_validate_close_contact.auth_comp_id_1 
_pdbx_validate_close_contact.auth_seq_id_1 
_pdbx_validate_close_contact.PDB_ins_code_1 
_pdbx_validate_close_contact.label_alt_id_1 
_pdbx_validate_close_contact.auth_atom_id_2 
_pdbx_validate_close_contact.auth_asym_id_2 
_pdbx_validate_close_contact.auth_comp_id_2 
_pdbx_validate_close_contact.auth_seq_id_2 
_pdbx_validate_close_contact.PDB_ins_code_2 
_pdbx_validate_close_contact.label_alt_id_2 
_pdbx_validate_close_contact.dist 
1  1 O   A HOH 33 ? ? O A HOH 84 ? ? 1.32 
2  1 O   B HOH 10 ? ? O B HOH 65 ? ? 1.56 
3  1 O2  B DC  5  ? ? O B HOH 75 ? ? 1.61 
4  1 O   A HOH 42 ? ? O A HOH 92 ? ? 1.65 
5  1 O   A HOH 33 ? ? O A HOH 79 ? ? 1.72 
6  1 O   A HOH 60 ? ? O A HOH 76 ? ? 1.80 
7  1 O   A HOH 17 ? ? O A HOH 79 ? ? 1.80 
8  1 O   B HOH 36 ? ? O B HOH 88 ? ? 1.82 
9  1 O   A HOH 60 ? ? O A HOH 74 ? ? 1.83 
10 1 OP1 A DC  3  ? ? O A HOH 41 ? ? 1.86 
11 1 O   A HOH 34 ? ? O A HOH 48 ? ? 1.87 
12 1 O   A HOH 89 ? ? O B HOH 21 ? ? 1.90 
13 1 O   A HOH 41 ? ? O A HOH 81 ? ? 1.91 
14 1 O   A HOH 12 ? ? O B HOH 75 ? ? 1.98 
15 1 OP1 A DG  2  ? ? O A HOH 25 ? ? 2.01 
16 1 O   A HOH 54 ? ? O A HOH 74 ? ? 2.13 
17 1 O   A HOH 71 ? ? O B HOH 39 ? ? 2.17 
18 1 O   A HOH 22 ? ? O A HOH 91 ? ? 2.17 
19 1 OP2 A DG  2  ? ? O A HOH 15 ? ? 2.18 
20 1 OP1 B DG  8  ? ? O B HOH 83 ? ? 2.19 
# 
loop_
_pdbx_validate_symm_contact.id 
_pdbx_validate_symm_contact.PDB_model_num 
_pdbx_validate_symm_contact.auth_atom_id_1 
_pdbx_validate_symm_contact.auth_asym_id_1 
_pdbx_validate_symm_contact.auth_comp_id_1 
_pdbx_validate_symm_contact.auth_seq_id_1 
_pdbx_validate_symm_contact.PDB_ins_code_1 
_pdbx_validate_symm_contact.label_alt_id_1 
_pdbx_validate_symm_contact.site_symmetry_1 
_pdbx_validate_symm_contact.auth_atom_id_2 
_pdbx_validate_symm_contact.auth_asym_id_2 
_pdbx_validate_symm_contact.auth_comp_id_2 
_pdbx_validate_symm_contact.auth_seq_id_2 
_pdbx_validate_symm_contact.PDB_ins_code_2 
_pdbx_validate_symm_contact.label_alt_id_2 
_pdbx_validate_symm_contact.site_symmetry_2 
_pdbx_validate_symm_contact.dist 
1  1 O   A HOH 37 ? ? 1_555 O A HOH 37 ? ? 3_654 0.84 
2  1 O   A HOH 68 ? ? 1_555 O B HOH 35 ? ? 5_555 1.18 
3  1 O   A HOH 74 ? ? 1_555 O B HOH 39 ? ? 1_655 1.75 
4  1 OP2 B DG  6  ? ? 1_555 O A HOH 41 ? ? 5_455 1.84 
5  1 O   A HOH 57 ? ? 1_555 O B HOH 38 ? ? 5_545 1.90 
6  1 O   A HOH 28 ? ? 1_555 O B HOH 11 ? ? 5_545 1.98 
7  1 OP1 B DC  7  ? ? 1_555 O A HOH 25 ? ? 5_455 2.01 
8  1 O   A HOH 27 ? ? 1_555 O A HOH 80 ? ? 4_565 2.03 
9  1 O   A HOH 58 ? ? 1_555 O B HOH 72 ? ? 5_445 2.06 
10 1 O   A HOH 68 ? ? 1_555 O B HOH 46 ? ? 5_555 2.07 
11 1 O   A HOH 25 ? ? 1_555 O B HOH 46 ? ? 3_654 2.08 
12 1 O   A HOH 57 ? ? 1_555 O B HOH 40 ? ? 4_565 2.10 
13 1 O   A HOH 15 ? ? 1_555 O A HOH 49 ? ? 5_445 2.11 
14 1 OP1 B DG  8  ? ? 1_555 O A HOH 42 ? ? 1_455 2.13 
15 1 O   A HOH 42 ? ? 1_555 O B HOH 83 ? ? 1_655 2.13 
# 
loop_
_pdbx_validate_rmsd_bond.id 
_pdbx_validate_rmsd_bond.PDB_model_num 
_pdbx_validate_rmsd_bond.auth_atom_id_1 
_pdbx_validate_rmsd_bond.auth_asym_id_1 
_pdbx_validate_rmsd_bond.auth_comp_id_1 
_pdbx_validate_rmsd_bond.auth_seq_id_1 
_pdbx_validate_rmsd_bond.PDB_ins_code_1 
_pdbx_validate_rmsd_bond.label_alt_id_1 
_pdbx_validate_rmsd_bond.auth_atom_id_2 
_pdbx_validate_rmsd_bond.auth_asym_id_2 
_pdbx_validate_rmsd_bond.auth_comp_id_2 
_pdbx_validate_rmsd_bond.auth_seq_id_2 
_pdbx_validate_rmsd_bond.PDB_ins_code_2 
_pdbx_validate_rmsd_bond.label_alt_id_2 
_pdbx_validate_rmsd_bond.bond_value 
_pdbx_validate_rmsd_bond.bond_target_value 
_pdbx_validate_rmsd_bond.bond_deviation 
_pdbx_validate_rmsd_bond.bond_standard_deviation 
_pdbx_validate_rmsd_bond.linker_flag 
1 1 C5 A DC 1 ? ? C6 A DC 1 ? ? 1.394 1.339 0.055  0.008 N 
2 1 C5 A DG 2 ? ? N7 A DG 2 ? ? 1.350 1.388 -0.038 0.006 N 
3 1 N7 A DG 2 ? ? C8 A DG 2 ? ? 1.349 1.305 0.044  0.006 N 
4 1 C5 A DG 4 ? ? N7 A DG 4 ? ? 1.344 1.388 -0.044 0.006 N 
5 1 N7 A DG 4 ? ? C8 A DG 4 ? ? 1.344 1.305 0.039  0.006 N 
6 1 C5 B DC 5 ? ? C6 B DC 5 ? ? 1.392 1.339 0.053  0.008 N 
7 1 C5 B DG 6 ? ? N7 B DG 6 ? ? 1.347 1.388 -0.041 0.006 N 
8 1 C5 B DC 7 ? ? C6 B DC 7 ? ? 1.393 1.339 0.054  0.008 N 
9 1 C5 B DG 8 ? ? N7 B DG 8 ? ? 1.347 1.388 -0.041 0.006 N 
# 
loop_
_pdbx_validate_rmsd_angle.id 
_pdbx_validate_rmsd_angle.PDB_model_num 
_pdbx_validate_rmsd_angle.auth_atom_id_1 
_pdbx_validate_rmsd_angle.auth_asym_id_1 
_pdbx_validate_rmsd_angle.auth_comp_id_1 
_pdbx_validate_rmsd_angle.auth_seq_id_1 
_pdbx_validate_rmsd_angle.PDB_ins_code_1 
_pdbx_validate_rmsd_angle.label_alt_id_1 
_pdbx_validate_rmsd_angle.auth_atom_id_2 
_pdbx_validate_rmsd_angle.auth_asym_id_2 
_pdbx_validate_rmsd_angle.auth_comp_id_2 
_pdbx_validate_rmsd_angle.auth_seq_id_2 
_pdbx_validate_rmsd_angle.PDB_ins_code_2 
_pdbx_validate_rmsd_angle.label_alt_id_2 
_pdbx_validate_rmsd_angle.auth_atom_id_3 
_pdbx_validate_rmsd_angle.auth_asym_id_3 
_pdbx_validate_rmsd_angle.auth_comp_id_3 
_pdbx_validate_rmsd_angle.auth_seq_id_3 
_pdbx_validate_rmsd_angle.PDB_ins_code_3 
_pdbx_validate_rmsd_angle.label_alt_id_3 
_pdbx_validate_rmsd_angle.angle_value 
_pdbx_validate_rmsd_angle.angle_target_value 
_pdbx_validate_rmsd_angle.angle_deviation 
_pdbx_validate_rmsd_angle.angle_standard_deviation 
_pdbx_validate_rmsd_angle.linker_flag 
1 1 "O4'" A DG 2 ? ? "C1'" A DG 2 ? ? N9    A DG 2 ? ? 103.30 108.00 -4.70 0.70 N 
2 1 "C3'" A DC 3 ? ? "C2'" A DC 3 ? ? "C1'" A DC 3 ? ? 95.51  102.40 -6.89 0.80 N 
3 1 "O4'" A DC 3 ? ? "C1'" A DC 3 ? ? "C2'" A DC 3 ? ? 99.25  105.90 -6.65 0.80 N 
4 1 C5    A DC 3 ? ? C6    A DC 3 ? ? N1    A DC 3 ? ? 117.80 121.00 -3.20 0.50 N 
5 1 "O4'" B DG 6 ? ? "C1'" B DG 6 ? ? N9    B DG 6 ? ? 103.20 108.00 -4.80 0.70 N 
# 
loop_
_pdbx_struct_special_symmetry.id 
_pdbx_struct_special_symmetry.PDB_model_num 
_pdbx_struct_special_symmetry.auth_asym_id 
_pdbx_struct_special_symmetry.auth_comp_id 
_pdbx_struct_special_symmetry.auth_seq_id 
_pdbx_struct_special_symmetry.PDB_ins_code 
_pdbx_struct_special_symmetry.label_asym_id 
_pdbx_struct_special_symmetry.label_comp_id 
_pdbx_struct_special_symmetry.label_seq_id 
1 1 A HOH 44 ? C HOH . 
2 1 A HOH 62 ? C HOH . 
3 1 B HOH 45 ? D HOH . 
# 
loop_
_refine_B_iso.class 
_refine_B_iso.details 
_refine_B_iso.treatment 
_refine_B_iso.pdbx_refine_id 
'ALL ATOMS'  TR isotropic 'X-RAY DIFFRACTION' 
'ALL WATERS' TR isotropic 'X-RAY DIFFRACTION' 
# 
loop_
_refine_occupancy.class 
_refine_occupancy.treatment 
_refine_occupancy.pdbx_refine_id 
'ALL ATOMS'  fix 'X-RAY DIFFRACTION' 
'ALL WATERS' fix 'X-RAY DIFFRACTION' 
# 
loop_
_chem_comp_atom.comp_id 
_chem_comp_atom.atom_id 
_chem_comp_atom.type_symbol 
_chem_comp_atom.pdbx_aromatic_flag 
_chem_comp_atom.pdbx_stereo_config 
_chem_comp_atom.pdbx_ordinal 
DC  OP3    O N N 1  
DC  P      P N N 2  
DC  OP1    O N N 3  
DC  OP2    O N N 4  
DC  "O5'"  O N N 5  
DC  "C5'"  C N N 6  
DC  "C4'"  C N R 7  
DC  "O4'"  O N N 8  
DC  "C3'"  C N S 9  
DC  "O3'"  O N N 10 
DC  "C2'"  C N N 11 
DC  "C1'"  C N R 12 
DC  N1     N N N 13 
DC  C2     C N N 14 
DC  O2     O N N 15 
DC  N3     N N N 16 
DC  C4     C N N 17 
DC  N4     N N N 18 
DC  C5     C N N 19 
DC  C6     C N N 20 
DC  HOP3   H N N 21 
DC  HOP2   H N N 22 
DC  "H5'"  H N N 23 
DC  "H5''" H N N 24 
DC  "H4'"  H N N 25 
DC  "H3'"  H N N 26 
DC  "HO3'" H N N 27 
DC  "H2'"  H N N 28 
DC  "H2''" H N N 29 
DC  "H1'"  H N N 30 
DC  H41    H N N 31 
DC  H42    H N N 32 
DC  H5     H N N 33 
DC  H6     H N N 34 
DG  OP3    O N N 35 
DG  P      P N N 36 
DG  OP1    O N N 37 
DG  OP2    O N N 38 
DG  "O5'"  O N N 39 
DG  "C5'"  C N N 40 
DG  "C4'"  C N R 41 
DG  "O4'"  O N N 42 
DG  "C3'"  C N S 43 
DG  "O3'"  O N N 44 
DG  "C2'"  C N N 45 
DG  "C1'"  C N R 46 
DG  N9     N Y N 47 
DG  C8     C Y N 48 
DG  N7     N Y N 49 
DG  C5     C Y N 50 
DG  C6     C N N 51 
DG  O6     O N N 52 
DG  N1     N N N 53 
DG  C2     C N N 54 
DG  N2     N N N 55 
DG  N3     N N N 56 
DG  C4     C Y N 57 
DG  HOP3   H N N 58 
DG  HOP2   H N N 59 
DG  "H5'"  H N N 60 
DG  "H5''" H N N 61 
DG  "H4'"  H N N 62 
DG  "H3'"  H N N 63 
DG  "HO3'" H N N 64 
DG  "H2'"  H N N 65 
DG  "H2''" H N N 66 
DG  "H1'"  H N N 67 
DG  H8     H N N 68 
DG  H1     H N N 69 
DG  H21    H N N 70 
DG  H22    H N N 71 
HOH O      O N N 72 
HOH H1     H N N 73 
HOH H2     H N N 74 
# 
loop_
_chem_comp_bond.comp_id 
_chem_comp_bond.atom_id_1 
_chem_comp_bond.atom_id_2 
_chem_comp_bond.value_order 
_chem_comp_bond.pdbx_aromatic_flag 
_chem_comp_bond.pdbx_stereo_config 
_chem_comp_bond.pdbx_ordinal 
DC  OP3   P      sing N N 1  
DC  OP3   HOP3   sing N N 2  
DC  P     OP1    doub N N 3  
DC  P     OP2    sing N N 4  
DC  P     "O5'"  sing N N 5  
DC  OP2   HOP2   sing N N 6  
DC  "O5'" "C5'"  sing N N 7  
DC  "C5'" "C4'"  sing N N 8  
DC  "C5'" "H5'"  sing N N 9  
DC  "C5'" "H5''" sing N N 10 
DC  "C4'" "O4'"  sing N N 11 
DC  "C4'" "C3'"  sing N N 12 
DC  "C4'" "H4'"  sing N N 13 
DC  "O4'" "C1'"  sing N N 14 
DC  "C3'" "O3'"  sing N N 15 
DC  "C3'" "C2'"  sing N N 16 
DC  "C3'" "H3'"  sing N N 17 
DC  "O3'" "HO3'" sing N N 18 
DC  "C2'" "C1'"  sing N N 19 
DC  "C2'" "H2'"  sing N N 20 
DC  "C2'" "H2''" sing N N 21 
DC  "C1'" N1     sing N N 22 
DC  "C1'" "H1'"  sing N N 23 
DC  N1    C2     sing N N 24 
DC  N1    C6     sing N N 25 
DC  C2    O2     doub N N 26 
DC  C2    N3     sing N N 27 
DC  N3    C4     doub N N 28 
DC  C4    N4     sing N N 29 
DC  C4    C5     sing N N 30 
DC  N4    H41    sing N N 31 
DC  N4    H42    sing N N 32 
DC  C5    C6     doub N N 33 
DC  C5    H5     sing N N 34 
DC  C6    H6     sing N N 35 
DG  OP3   P      sing N N 36 
DG  OP3   HOP3   sing N N 37 
DG  P     OP1    doub N N 38 
DG  P     OP2    sing N N 39 
DG  P     "O5'"  sing N N 40 
DG  OP2   HOP2   sing N N 41 
DG  "O5'" "C5'"  sing N N 42 
DG  "C5'" "C4'"  sing N N 43 
DG  "C5'" "H5'"  sing N N 44 
DG  "C5'" "H5''" sing N N 45 
DG  "C4'" "O4'"  sing N N 46 
DG  "C4'" "C3'"  sing N N 47 
DG  "C4'" "H4'"  sing N N 48 
DG  "O4'" "C1'"  sing N N 49 
DG  "C3'" "O3'"  sing N N 50 
DG  "C3'" "C2'"  sing N N 51 
DG  "C3'" "H3'"  sing N N 52 
DG  "O3'" "HO3'" sing N N 53 
DG  "C2'" "C1'"  sing N N 54 
DG  "C2'" "H2'"  sing N N 55 
DG  "C2'" "H2''" sing N N 56 
DG  "C1'" N9     sing N N 57 
DG  "C1'" "H1'"  sing N N 58 
DG  N9    C8     sing Y N 59 
DG  N9    C4     sing Y N 60 
DG  C8    N7     doub Y N 61 
DG  C8    H8     sing N N 62 
DG  N7    C5     sing Y N 63 
DG  C5    C6     sing N N 64 
DG  C5    C4     doub Y N 65 
DG  C6    O6     doub N N 66 
DG  C6    N1     sing N N 67 
DG  N1    C2     sing N N 68 
DG  N1    H1     sing N N 69 
DG  C2    N2     sing N N 70 
DG  C2    N3     doub N N 71 
DG  N2    H21    sing N N 72 
DG  N2    H22    sing N N 73 
DG  N3    C4     sing N N 74 
HOH O     H1     sing N N 75 
HOH O     H2     sing N N 76 
# 
_ndb_struct_conf_na.entry_id   1ZNA 
_ndb_struct_conf_na.feature    'z-form double helix' 
# 
loop_
_ndb_struct_na_base_pair.model_number 
_ndb_struct_na_base_pair.i_label_asym_id 
_ndb_struct_na_base_pair.i_label_comp_id 
_ndb_struct_na_base_pair.i_label_seq_id 
_ndb_struct_na_base_pair.i_symmetry 
_ndb_struct_na_base_pair.j_label_asym_id 
_ndb_struct_na_base_pair.j_label_comp_id 
_ndb_struct_na_base_pair.j_label_seq_id 
_ndb_struct_na_base_pair.j_symmetry 
_ndb_struct_na_base_pair.shear 
_ndb_struct_na_base_pair.stretch 
_ndb_struct_na_base_pair.stagger 
_ndb_struct_na_base_pair.buckle 
_ndb_struct_na_base_pair.propeller 
_ndb_struct_na_base_pair.opening 
_ndb_struct_na_base_pair.pair_number 
_ndb_struct_na_base_pair.pair_name 
_ndb_struct_na_base_pair.i_auth_asym_id 
_ndb_struct_na_base_pair.i_auth_seq_id 
_ndb_struct_na_base_pair.i_PDB_ins_code 
_ndb_struct_na_base_pair.j_auth_asym_id 
_ndb_struct_na_base_pair.j_auth_seq_id 
_ndb_struct_na_base_pair.j_PDB_ins_code 
_ndb_struct_na_base_pair.hbond_type_28 
_ndb_struct_na_base_pair.hbond_type_12 
1 A DC 1 1_555 B DG 4 1_555 -0.177 -0.249 -0.511 8.275  -1.223 3.422  1 A_DC1:DG8_B A 1 ? B 8 ? 19 1 
1 A DG 2 1_555 B DC 3 1_555 -0.032 -0.161 0.389  -6.542 -2.246 2.976  2 A_DG2:DC7_B A 2 ? B 7 ? 19 1 
1 A DC 3 1_555 B DG 2 1_555 -0.189 -0.128 -0.351 9.205  3.407  0.081  3 A_DC3:DG6_B A 3 ? B 6 ? 19 1 
1 A DG 4 1_555 B DC 1 1_555 0.301  -0.205 -0.019 -3.634 -5.322 -0.168 4 A_DG4:DC5_B A 4 ? B 5 ? 19 1 
# 
loop_
_ndb_struct_na_base_pair_step.model_number 
_ndb_struct_na_base_pair_step.i_label_asym_id_1 
_ndb_struct_na_base_pair_step.i_label_comp_id_1 
_ndb_struct_na_base_pair_step.i_label_seq_id_1 
_ndb_struct_na_base_pair_step.i_symmetry_1 
_ndb_struct_na_base_pair_step.j_label_asym_id_1 
_ndb_struct_na_base_pair_step.j_label_comp_id_1 
_ndb_struct_na_base_pair_step.j_label_seq_id_1 
_ndb_struct_na_base_pair_step.j_symmetry_1 
_ndb_struct_na_base_pair_step.i_label_asym_id_2 
_ndb_struct_na_base_pair_step.i_label_comp_id_2 
_ndb_struct_na_base_pair_step.i_label_seq_id_2 
_ndb_struct_na_base_pair_step.i_symmetry_2 
_ndb_struct_na_base_pair_step.j_label_asym_id_2 
_ndb_struct_na_base_pair_step.j_label_comp_id_2 
_ndb_struct_na_base_pair_step.j_label_seq_id_2 
_ndb_struct_na_base_pair_step.j_symmetry_2 
_ndb_struct_na_base_pair_step.shift 
_ndb_struct_na_base_pair_step.slide 
_ndb_struct_na_base_pair_step.rise 
_ndb_struct_na_base_pair_step.tilt 
_ndb_struct_na_base_pair_step.roll 
_ndb_struct_na_base_pair_step.twist 
_ndb_struct_na_base_pair_step.x_displacement 
_ndb_struct_na_base_pair_step.y_displacement 
_ndb_struct_na_base_pair_step.helical_rise 
_ndb_struct_na_base_pair_step.inclination 
_ndb_struct_na_base_pair_step.tip 
_ndb_struct_na_base_pair_step.helical_twist 
_ndb_struct_na_base_pair_step.step_number 
_ndb_struct_na_base_pair_step.step_name 
_ndb_struct_na_base_pair_step.i_auth_asym_id_1 
_ndb_struct_na_base_pair_step.i_auth_seq_id_1 
_ndb_struct_na_base_pair_step.i_PDB_ins_code_1 
_ndb_struct_na_base_pair_step.j_auth_asym_id_1 
_ndb_struct_na_base_pair_step.j_auth_seq_id_1 
_ndb_struct_na_base_pair_step.j_PDB_ins_code_1 
_ndb_struct_na_base_pair_step.i_auth_asym_id_2 
_ndb_struct_na_base_pair_step.i_auth_seq_id_2 
_ndb_struct_na_base_pair_step.i_PDB_ins_code_2 
_ndb_struct_na_base_pair_step.j_auth_asym_id_2 
_ndb_struct_na_base_pair_step.j_auth_seq_id_2 
_ndb_struct_na_base_pair_step.j_PDB_ins_code_2 
1 A DC 1 1_555 B DG 4 1_555 A DG 2 1_555 B DC 3 1_555 -0.087 5.562  3.880 -5.356 -7.634  -12.013 -10.781 -7.521 5.823 31.052 
-21.788 -15.197 1 AA_DC1DG2:DC7DG8_BB A 1 ? B 8 ? A 2 ? B 7 ? 
1 A DG 2 1_555 B DC 3 1_555 A DC 3 1_555 B DG 2 1_555 -0.092 -0.726 3.086 5.900  -3.591  -45.752 1.211   0.355  3.013 4.588  7.537 
-46.242 2 AA_DG2DC3:DG6DC7_BB A 2 ? B 7 ? A 3 ? B 6 ? 
1 A DC 3 1_555 B DG 2 1_555 A DG 4 1_555 B DC 1 1_555 0.134  5.514  3.725 -5.640 -11.767 -10.985 -4.533  -6.293 6.246 45.154 
-21.642 -17.042 3 AA_DC3DG4:DC5DG6_BB A 3 ? B 6 ? A 4 ? B 5 ? 
# 
_atom_sites.entry_id                    1ZNA 
_atom_sites.fract_transf_matrix[1][1]   -0.04850975 
_atom_sites.fract_transf_matrix[1][2]   0.00997048 
_atom_sites.fract_transf_matrix[1][3]   -0.01331306 
_atom_sites.fract_transf_vector[1]      0.468403 
_atom_sites.fract_transf_matrix[2][1]   -0.01020050 
_atom_sites.fract_transf_matrix[2][2]   -0.01319330 
_atom_sites.fract_transf_matrix[2][3]   0.02728749 
_atom_sites.fract_transf_vector[2]      0.569164 
_atom_sites.fract_transf_matrix[3][1]   0.00090917 
_atom_sites.fract_transf_matrix[3][2]   0.01376123 
_atom_sites.fract_transf_matrix[3][3]   0.00699331 
_atom_sites.fract_transf_vector[3]      -0.127558 
# 
loop_
_atom_type.symbol 
C 
N 
O 
P 
# 
loop_
_atom_site.group_PDB 
_atom_site.id 
_atom_site.type_symbol 
_atom_site.label_atom_id 
_atom_site.label_alt_id 
_atom_site.label_comp_id 
_atom_site.label_asym_id 
_atom_site.label_entity_id 
_atom_site.label_seq_id 
_atom_site.pdbx_PDB_ins_code 
_atom_site.Cartn_x 
_atom_site.Cartn_y 
_atom_site.Cartn_z 
_atom_site.occupancy 
_atom_site.B_iso_or_equiv 
_atom_site.pdbx_formal_charge 
_atom_site.auth_seq_id 
_atom_site.auth_comp_id 
_atom_site.auth_asym_id 
_atom_site.auth_atom_id 
_atom_site.pdbx_PDB_model_num 
ATOM   1   O "O5'" . DC  A 1 1 ? -5.770  0.063   -5.323  1.00 15.59 ? 1  DC  A "O5'" 1 
ATOM   2   C "C5'" . DC  A 1 1 ? -5.495  -1.343  -5.130  1.00 3.68  ? 1  DC  A "C5'" 1 
ATOM   3   C "C4'" . DC  A 1 1 ? -3.993  -1.466  -5.065  1.00 9.52  ? 1  DC  A "C4'" 1 
ATOM   4   O "O4'" . DC  A 1 1 ? -3.655  -1.928  -3.745  1.00 8.63  ? 1  DC  A "O4'" 1 
ATOM   5   C "C3'" . DC  A 1 1 ? -3.293  -2.369  -6.076  1.00 10.41 ? 1  DC  A "C3'" 1 
ATOM   6   O "O3'" . DC  A 1 1 ? -2.095  -1.796  -6.619  1.00 1.96  ? 1  DC  A "O3'" 1 
ATOM   7   C "C2'" . DC  A 1 1 ? -3.047  -3.607  -5.218  1.00 9.88  ? 1  DC  A "C2'" 1 
ATOM   8   C "C1'" . DC  A 1 1 ? -2.693  -2.972  -3.890  1.00 0.10  ? 1  DC  A "C1'" 1 
ATOM   9   N N1    . DC  A 1 1 ? -2.847  -3.946  -2.766  1.00 0.10  ? 1  DC  A N1    1 
ATOM   10  C C2    . DC  A 1 1 ? -1.858  -4.876  -2.567  1.00 0.10  ? 1  DC  A C2    1 
ATOM   11  O O2    . DC  A 1 1 ? -0.868  -4.841  -3.286  1.00 0.83  ? 1  DC  A O2    1 
ATOM   12  N N3    . DC  A 1 1 ? -1.968  -5.793  -1.607  1.00 0.10  ? 1  DC  A N3    1 
ATOM   13  C C4    . DC  A 1 1 ? -3.053  -5.833  -0.834  1.00 6.14  ? 1  DC  A C4    1 
ATOM   14  N N4    . DC  A 1 1 ? -3.101  -6.735  0.189   1.00 2.75  ? 1  DC  A N4    1 
ATOM   15  C C5    . DC  A 1 1 ? -4.109  -4.929  -1.024  1.00 1.67  ? 1  DC  A C5    1 
ATOM   16  C C6    . DC  A 1 1 ? -3.992  -3.964  -2.023  1.00 4.23  ? 1  DC  A C6    1 
ATOM   17  P P     . DG  A 1 2 ? -2.159  -0.692  -7.760  1.00 9.59  ? 2  DG  A P     1 
ATOM   18  O OP1   . DG  A 1 2 ? -3.235  -1.027  -8.735  1.00 10.96 ? 2  DG  A OP1   1 
ATOM   19  O OP2   . DG  A 1 2 ? -0.816  -0.627  -8.353  1.00 5.50  ? 2  DG  A OP2   1 
ATOM   20  O "O5'" . DG  A 1 2 ? -2.552  0.688   -7.022  1.00 7.10  ? 2  DG  A "O5'" 1 
ATOM   21  C "C5'" . DG  A 1 2 ? -1.573  1.575   -6.404  1.00 0.05  ? 2  DG  A "C5'" 1 
ATOM   22  C "C4'" . DG  A 1 2 ? -2.317  2.853   -6.063  1.00 0.10  ? 2  DG  A "C4'" 1 
ATOM   23  O "O4'" . DG  A 1 2 ? -3.467  2.326   -5.405  1.00 13.22 ? 2  DG  A "O4'" 1 
ATOM   24  C "C3'" . DG  A 1 2 ? -1.644  3.836   -5.080  1.00 0.10  ? 2  DG  A "C3'" 1 
ATOM   25  O "O3'" . DG  A 1 2 ? -1.295  5.136   -5.642  1.00 5.61  ? 2  DG  A "O3'" 1 
ATOM   26  C "C2'" . DG  A 1 2 ? -2.638  3.942   -3.924  1.00 10.52 ? 2  DG  A "C2'" 1 
ATOM   27  C "C1'" . DG  A 1 2 ? -3.899  3.247   -4.413  1.00 20.28 ? 2  DG  A "C1'" 1 
ATOM   28  N N9    . DG  A 1 2 ? -4.414  2.361   -3.323  1.00 0.10  ? 2  DG  A N9    1 
ATOM   29  C C8    . DG  A 1 2 ? -5.696  2.201   -2.861  1.00 2.50  ? 2  DG  A C8    1 
ATOM   30  N N7    . DG  A 1 2 ? -5.779  1.301   -1.860  1.00 1.50  ? 2  DG  A N7    1 
ATOM   31  C C5    . DG  A 1 2 ? -4.506  0.885   -1.690  1.00 0.67  ? 2  DG  A C5    1 
ATOM   32  C C6    . DG  A 1 2 ? -3.957  -0.046  -0.747  1.00 0.10  ? 2  DG  A C6    1 
ATOM   33  O O6    . DG  A 1 2 ? -4.523  -0.652  0.166   1.00 0.72  ? 2  DG  A O6    1 
ATOM   34  N N1    . DG  A 1 2 ? -2.616  -0.244  -0.960  1.00 0.10  ? 2  DG  A N1    1 
ATOM   35  C C2    . DG  A 1 2 ? -1.839  0.340   -1.917  1.00 0.10  ? 2  DG  A C2    1 
ATOM   36  N N2    . DG  A 1 2 ? -0.513  0.023   -1.926  1.00 5.05  ? 2  DG  A N2    1 
ATOM   37  N N3    . DG  A 1 2 ? -2.328  1.255   -2.757  1.00 17.77 ? 2  DG  A N3    1 
ATOM   38  C C4    . DG  A 1 2 ? -3.663  1.474   -2.589  1.00 13.21 ? 2  DG  A C4    1 
ATOM   39  P P     . DC  A 1 3 ? 0.231   5.611   -5.644  1.00 16.15 ? 3  DC  A P     1 
ATOM   40  O OP1   . DC  A 1 3 ? 0.483   6.930   -6.211  1.00 6.08  ? 3  DC  A OP1   1 
ATOM   41  O OP2   . DC  A 1 3 ? 1.020   4.549   -6.373  1.00 25.19 ? 3  DC  A OP2   1 
ATOM   42  O "O5'" . DC  A 1 3 ? 0.701   5.574   -4.119  1.00 2.20  ? 3  DC  A "O5'" 1 
ATOM   43  C "C5'" . DC  A 1 3 ? 2.071   5.912   -3.776  1.00 1.43  ? 3  DC  A "C5'" 1 
ATOM   44  C "C4'" . DC  A 1 3 ? 2.412   5.219   -2.474  1.00 0.10  ? 3  DC  A "C4'" 1 
ATOM   45  O "O4'" . DC  A 1 3 ? 1.166   5.074   -1.776  1.00 14.98 ? 3  DC  A "O4'" 1 
ATOM   46  C "C3'" . DC  A 1 3 ? 2.947   3.761   -2.534  1.00 7.18  ? 3  DC  A "C3'" 1 
ATOM   47  O "O3'" . DC  A 1 3 ? 4.046   3.466   -1.671  1.00 14.41 ? 3  DC  A "O3'" 1 
ATOM   48  C "C2'" . DC  A 1 3 ? 1.735   2.945   -2.133  1.00 12.86 ? 3  DC  A "C2'" 1 
ATOM   49  C "C1'" . DC  A 1 3 ? 1.296   3.871   -1.028  1.00 0.10  ? 3  DC  A "C1'" 1 
ATOM   50  N N1    . DC  A 1 3 ? -0.035  3.544   -0.532  1.00 0.10  ? 3  DC  A N1    1 
ATOM   51  C C2    . DC  A 1 3 ? -0.170  2.449   0.265   1.00 1.51  ? 3  DC  A C2    1 
ATOM   52  O O2    . DC  A 1 3 ? 0.844   1.775   0.522   1.00 3.96  ? 3  DC  A O2    1 
ATOM   53  N N3    . DC  A 1 3 ? -1.367  2.151   0.771   1.00 0.64  ? 3  DC  A N3    1 
ATOM   54  C C4    . DC  A 1 3 ? -2.421  2.927   0.513   1.00 3.39  ? 3  DC  A C4    1 
ATOM   55  N N4    . DC  A 1 3 ? -3.623  2.618   1.072   1.00 7.73  ? 3  DC  A N4    1 
ATOM   56  C C5    . DC  A 1 3 ? -2.320  4.056   -0.304  1.00 0.10  ? 3  DC  A C5    1 
ATOM   57  C C6    . DC  A 1 3 ? -1.078  4.366   -0.835  1.00 0.10  ? 3  DC  A C6    1 
ATOM   58  P P     . DG  A 1 4 ? 5.516   3.474   -2.275  1.00 10.21 ? 4  DG  A P     1 
ATOM   59  O OP1   . DG  A 1 4 ? 5.415   3.169   -3.725  1.00 12.08 ? 4  DG  A OP1   1 
ATOM   60  O OP2   . DG  A 1 4 ? 6.321   2.556   -1.423  1.00 17.92 ? 4  DG  A OP2   1 
ATOM   61  O "O5'" . DG  A 1 4 ? 5.973   5.005   -2.145  1.00 4.42  ? 4  DG  A "O5'" 1 
ATOM   62  C "C5'" . DG  A 1 4 ? 5.703   5.825   -1.025  1.00 0.10  ? 4  DG  A "C5'" 1 
ATOM   63  C "C4'" . DG  A 1 4 ? 6.010   7.230   -1.489  1.00 1.94  ? 4  DG  A "C4'" 1 
ATOM   64  O "O4'" . DG  A 1 4 ? 5.018   7.764   -2.401  1.00 4.95  ? 4  DG  A "O4'" 1 
ATOM   65  C "C3'" . DG  A 1 4 ? 6.253   8.255   -0.405  1.00 21.08 ? 4  DG  A "C3'" 1 
ATOM   66  O "O3'" . DG  A 1 4 ? 7.645   8.538   -0.256  1.00 6.50  ? 4  DG  A "O3'" 1 
ATOM   67  C "C2'" . DG  A 1 4 ? 5.513   9.497   -0.851  1.00 22.95 ? 4  DG  A "C2'" 1 
ATOM   68  C "C1'" . DG  A 1 4 ? 4.575   9.061   -1.973  1.00 7.38  ? 4  DG  A "C1'" 1 
ATOM   69  N N9    . DG  A 1 4 ? 3.104   8.969   -1.641  1.00 12.84 ? 4  DG  A N9    1 
ATOM   70  C C8    . DG  A 1 4 ? 2.046   9.482   -2.347  1.00 6.65  ? 4  DG  A C8    1 
ATOM   71  N N7    . DG  A 1 4 ? 0.852   9.108   -1.858  1.00 24.14 ? 4  DG  A N7    1 
ATOM   72  C C5    . DG  A 1 4 ? 1.171   8.325   -0.813  1.00 16.45 ? 4  DG  A C5    1 
ATOM   73  C C6    . DG  A 1 4 ? 0.320   7.615   0.085   1.00 8.14  ? 4  DG  A C6    1 
ATOM   74  O O6    . DG  A 1 4 ? -0.905  7.606   0.126   1.00 10.84 ? 4  DG  A O6    1 
ATOM   75  N N1    . DG  A 1 4 ? 1.045   6.852   0.976   1.00 0.10  ? 4  DG  A N1    1 
ATOM   76  C C2    . DG  A 1 4 ? 2.398   6.763   1.049   1.00 0.10  ? 4  DG  A C2    1 
ATOM   77  N N2    . DG  A 1 4 ? 2.945   5.938   1.986   1.00 14.14 ? 4  DG  A N2    1 
ATOM   78  N N3    . DG  A 1 4 ? 3.187   7.470   0.234   1.00 16.70 ? 4  DG  A N3    1 
ATOM   79  C C4    . DG  A 1 4 ? 2.518   8.229   -0.649  1.00 8.78  ? 4  DG  A C4    1 
ATOM   80  O "O5'" . DC  B 1 1 ? -2.066  1.749   8.339   1.00 4.48  ? 5  DC  B "O5'" 1 
ATOM   81  C "C5'" . DC  B 1 1 ? -1.728  0.688   7.447   1.00 0.10  ? 5  DC  B "C5'" 1 
ATOM   82  C "C4'" . DC  B 1 1 ? -0.429  1.026   6.755   1.00 2.55  ? 5  DC  B "C4'" 1 
ATOM   83  O "O4'" . DC  B 1 1 ? -0.647  1.568   5.444   1.00 9.43  ? 5  DC  B "O4'" 1 
ATOM   84  C "C3'" . DC  B 1 1 ? 0.578   1.944   7.432   1.00 22.51 ? 5  DC  B "C3'" 1 
ATOM   85  O "O3'" . DC  B 1 1 ? 1.887   1.433   7.201   1.00 0.10  ? 5  DC  B "O3'" 1 
ATOM   86  C "C2'" . DC  B 1 1 ? 0.333   3.251   6.703   1.00 12.79 ? 5  DC  B "C2'" 1 
ATOM   87  C "C1'" . DC  B 1 1 ? 0.172   2.717   5.282   1.00 0.94  ? 5  DC  B "C1'" 1 
ATOM   88  N N1    . DC  B 1 1 ? -0.606  3.651   4.420   1.00 0.10  ? 5  DC  B N1    1 
ATOM   89  C C2    . DC  B 1 1 ? 0.065   4.447   3.540   1.00 14.71 ? 5  DC  B C2    1 
ATOM   90  O O2    . DC  B 1 1 ? 1.282   4.362   3.482   1.00 8.34  ? 5  DC  B O2    1 
ATOM   91  N N3    . DC  B 1 1 ? -0.605  5.277   2.734   1.00 5.68  ? 5  DC  B N3    1 
ATOM   92  C C4    . DC  B 1 1 ? -1.932  5.345   2.786   1.00 10.02 ? 5  DC  B C4    1 
ATOM   93  N N4    . DC  B 1 1 ? -2.589  6.191   1.953   1.00 0.10  ? 5  DC  B N4    1 
ATOM   94  C C5    . DC  B 1 1 ? -2.666  4.552   3.668   1.00 12.69 ? 5  DC  B C5    1 
ATOM   95  C C6    . DC  B 1 1 ? -1.969  3.686   4.506   1.00 8.25  ? 5  DC  B C6    1 
ATOM   96  P P     . DG  B 1 2 ? 2.563   0.436   8.249   1.00 0.51  ? 6  DG  B P     1 
ATOM   97  O OP1   . DG  B 1 2 ? 2.476   0.970   9.624   1.00 8.96  ? 6  DG  B OP1   1 
ATOM   98  O OP2   . DG  B 1 2 ? 3.952   0.248   7.858   1.00 5.03  ? 6  DG  B OP2   1 
ATOM   99  O "O5'" . DG  B 1 2 ? 1.802   -0.966  8.125   1.00 11.33 ? 6  DG  B "O5'" 1 
ATOM   100 C "C5'" . DG  B 1 2 ? 2.104   -1.817  6.990   1.00 6.55  ? 6  DG  B "C5'" 1 
ATOM   101 C "C4'" . DG  B 1 2 ? 1.381   -3.120  7.145   1.00 0.10  ? 6  DG  B "C4'" 1 
ATOM   102 O "O4'" . DG  B 1 2 ? -0.018  -2.819  7.200   1.00 15.19 ? 6  DG  B "O4'" 1 
ATOM   103 C "C3'" . DG  B 1 2 ? 1.633   -4.051  5.976   1.00 1.71  ? 6  DG  B "C3'" 1 
ATOM   104 O "O3'" . DG  B 1 2 ? 2.243   -5.280  6.379   1.00 3.05  ? 6  DG  B "O3'" 1 
ATOM   105 C "C2'" . DG  B 1 2 ? 0.259   -4.238  5.347   1.00 4.19  ? 6  DG  B "C2'" 1 
ATOM   106 C "C1'" . DG  B 1 2 ? -0.748  -3.668  6.315   1.00 2.37  ? 6  DG  B "C1'" 1 
ATOM   107 N N9    . DG  B 1 2 ? -1.693  -2.737  5.656   1.00 2.17  ? 6  DG  B N9    1 
ATOM   108 C C8    . DG  B 1 2 ? -3.022  -2.598  5.930   1.00 20.94 ? 6  DG  B C8    1 
ATOM   109 N N7    . DG  B 1 2 ? -3.623  -1.668  5.175   1.00 10.52 ? 6  DG  B N7    1 
ATOM   110 C C5    . DG  B 1 2 ? -2.635  -1.185  4.397   1.00 17.74 ? 6  DG  B C5    1 
ATOM   111 C C6    . DG  B 1 2 ? -2.702  -0.168  3.394   1.00 5.35  ? 6  DG  B C6    1 
ATOM   112 O O6    . DG  B 1 2 ? -3.676  0.481   3.043   1.00 5.73  ? 6  DG  B O6    1 
ATOM   113 N N1    . DG  B 1 2 ? -1.473  0.091   2.839   1.00 4.31  ? 6  DG  B N1    1 
ATOM   114 C C2    . DG  B 1 2 ? -0.302  -0.520  3.163   1.00 0.81  ? 6  DG  B C2    1 
ATOM   115 N N2    . DG  B 1 2 ? 0.829   -0.077  2.549   1.00 13.36 ? 6  DG  B N2    1 
ATOM   116 N N3    . DG  B 1 2 ? -0.239  -1.483  4.093   1.00 0.10  ? 6  DG  B N3    1 
ATOM   117 C C4    . DG  B 1 2 ? -1.437  -1.791  4.666   1.00 5.29  ? 6  DG  B C4    1 
ATOM   118 P P     . DC  B 1 3 ? 2.635   -6.437  5.330   1.00 4.12  ? 7  DC  B P     1 
ATOM   119 O OP1   . DC  B 1 3 ? 1.530   -7.407  5.137   1.00 4.86  ? 7  DC  B OP1   1 
ATOM   120 O OP2   . DC  B 1 3 ? 3.909   -6.984  5.813   1.00 0.82  ? 7  DC  B OP2   1 
ATOM   121 O "O5'" . DC  B 1 3 ? 2.821   -5.677  3.919   1.00 4.35  ? 7  DC  B "O5'" 1 
ATOM   122 C "C5'" . DC  B 1 3 ? 3.297   -6.453  2.783   1.00 1.85  ? 7  DC  B "C5'" 1 
ATOM   123 C "C4'" . DC  B 1 3 ? 3.463   -5.603  1.543   1.00 30.04 ? 7  DC  B "C4'" 1 
ATOM   124 O "O4'" . DC  B 1 3 ? 2.164   -5.518  0.924   1.00 18.00 ? 7  DC  B "O4'" 1 
ATOM   125 C "C3'" . DC  B 1 3 ? 4.026   -4.167  1.669   1.00 16.98 ? 7  DC  B "C3'" 1 
ATOM   126 O "O3'" . DC  B 1 3 ? 4.801   -3.745  0.515   1.00 8.64  ? 7  DC  B "O3'" 1 
ATOM   127 C "C2'" . DC  B 1 3 ? 2.709   -3.411  1.750   1.00 0.10  ? 7  DC  B "C2'" 1 
ATOM   128 C "C1'" . DC  B 1 3 ? 1.892   -4.153  0.697   1.00 2.07  ? 7  DC  B "C1'" 1 
ATOM   129 N N1    . DC  B 1 3 ? 0.431   -3.940  0.867   1.00 4.81  ? 7  DC  B N1    1 
ATOM   130 C C2    . DC  B 1 3 ? -0.125  -2.951  0.125   1.00 7.18  ? 7  DC  B C2    1 
ATOM   131 O O2    . DC  B 1 3 ? 0.614   -2.356  -0.678  1.00 5.16  ? 7  DC  B O2    1 
ATOM   132 N N3    . DC  B 1 3 ? -1.403  -2.599  0.324   1.00 1.85  ? 7  DC  B N3    1 
ATOM   133 C C4    . DC  B 1 3 ? -2.148  -3.233  1.237   1.00 8.85  ? 7  DC  B C4    1 
ATOM   134 N N4    . DC  B 1 3 ? -3.433  -2.817  1.453   1.00 0.95  ? 7  DC  B N4    1 
ATOM   135 C C5    . DC  B 1 3 ? -1.615  -4.264  2.022   1.00 0.66  ? 7  DC  B C5    1 
ATOM   136 C C6    . DC  B 1 3 ? -0.283  -4.614  1.818   1.00 20.21 ? 7  DC  B C6    1 
ATOM   137 P P     . DG  B 1 4 ? 6.267   -4.288  0.105   1.00 4.98  ? 8  DG  B P     1 
ATOM   138 O OP1   . DG  B 1 4 ? 7.326   -3.740  0.984   1.00 3.74  ? 8  DG  B OP1   1 
ATOM   139 O OP2   . DG  B 1 4 ? 6.389   -3.962  -1.306  1.00 12.42 ? 8  DG  B OP2   1 
ATOM   140 O "O5'" . DG  B 1 4 ? 6.244   -5.881  0.193   1.00 6.89  ? 8  DG  B "O5'" 1 
ATOM   141 C "C5'" . DG  B 1 4 ? 5.996   -6.638  -1.024  1.00 10.64 ? 8  DG  B "C5'" 1 
ATOM   142 C "C4'" . DG  B 1 4 ? 6.431   -8.049  -0.780  1.00 5.92  ? 8  DG  B "C4'" 1 
ATOM   143 O "O4'" . DG  B 1 4 ? 5.577   -8.589  0.233   1.00 6.50  ? 8  DG  B "O4'" 1 
ATOM   144 C "C3'" . DG  B 1 4 ? 6.360   -9.027  -1.934  1.00 18.99 ? 8  DG  B "C3'" 1 
ATOM   145 O "O3'" . DG  B 1 4 ? 7.392   -10.009 -1.863  1.00 22.93 ? 8  DG  B "O3'" 1 
ATOM   146 C "C2'" . DG  B 1 4 ? 4.975   -9.620  -1.789  1.00 28.47 ? 8  DG  B "C2'" 1 
ATOM   147 C "C1'" . DG  B 1 4 ? 4.854   -9.717  -0.282  1.00 6.74  ? 8  DG  B "C1'" 1 
ATOM   148 N N9    . DG  B 1 4 ? 3.442   -9.562  0.170   1.00 0.10  ? 8  DG  B N9    1 
ATOM   149 C C8    . DG  B 1 4 ? 2.855   -10.161 1.250   1.00 0.10  ? 8  DG  B C8    1 
ATOM   150 N N7    . DG  B 1 4 ? 1.602   -9.737  1.454   1.00 6.39  ? 8  DG  B N7    1 
ATOM   151 C C5    . DG  B 1 4 ? 1.395   -8.850  0.462   1.00 0.10  ? 8  DG  B C5    1 
ATOM   152 C C6    . DG  B 1 4 ? 0.235   -8.067  0.202   1.00 0.10  ? 8  DG  B C6    1 
ATOM   153 O O6    . DG  B 1 4 ? -0.810  -8.042  0.835   1.00 1.76  ? 8  DG  B O6    1 
ATOM   154 N N1    . DG  B 1 4 ? 0.387   -7.242  -0.887  1.00 0.10  ? 8  DG  B N1    1 
ATOM   155 C C2    . DG  B 1 4 ? 1.494   -7.137  -1.663  1.00 16.82 ? 8  DG  B C2    1 
ATOM   156 N N2    . DG  B 1 4 ? 1.473   -6.197  -2.664  1.00 0.10  ? 8  DG  B N2    1 
ATOM   157 N N3    . DG  B 1 4 ? 2.589   -7.875  -1.413  1.00 13.81 ? 8  DG  B N3    1 
ATOM   158 C C4    . DG  B 1 4 ? 2.473   -8.717  -0.350  1.00 28.28 ? 8  DG  B C4    1 
HETATM 159 O O     . HOH C 2 . ? 1.658   0.758   -4.629  1.00 10.62 ? 9  HOH A O     1 
HETATM 160 O O     . HOH C 2 . ? 3.281   2.986   1.457   1.00 12.43 ? 12 HOH A O     1 
HETATM 161 O O     . HOH C 2 . ? 1.103   -0.152  -9.277  1.00 4.57  ? 15 HOH A O     1 
HETATM 162 O O     . HOH C 2 . ? -2.500  7.799   -1.902  1.00 12.35 ? 16 HOH A O     1 
HETATM 163 O O     . HOH C 2 . ? -7.606  4.339   -6.149  1.00 1.12  ? 17 HOH A O     1 
HETATM 164 O O     . HOH C 2 . ? -6.646  -2.130  -1.069  1.00 6.50  ? 20 HOH A O     1 
HETATM 165 O O     . HOH C 2 . ? -0.058  -3.101  -6.207  1.00 0.49  ? 22 HOH A O     1 
HETATM 166 O O     . HOH C 2 . ? -6.325  4.338   0.678   1.00 0.10  ? 23 HOH A O     1 
HETATM 167 O O     . HOH C 2 . ? 8.427   3.661   -2.603  1.00 0.10  ? 24 HOH A O     1 
HETATM 168 O O     . HOH C 2 . ? -4.244  -0.274  -10.302 1.00 0.97  ? 25 HOH A O     1 
HETATM 169 O O     . HOH C 2 . ? 5.785   5.728   2.946   1.00 17.83 ? 27 HOH A O     1 
HETATM 170 O O     . HOH C 2 . ? -2.367  8.364   -4.101  1.00 0.10  ? 28 HOH A O     1 
HETATM 171 O O     . HOH C 2 . ? 8.630   8.601   7.254   1.00 9.06  ? 29 HOH A O     1 
HETATM 172 O O     . HOH C 2 . ? -6.690  6.150   -4.764  1.00 13.50 ? 30 HOH A O     1 
HETATM 173 O O     . HOH C 2 . ? 1.588   2.424   -6.638  1.00 11.40 ? 32 HOH A O     1 
HETATM 174 O O     . HOH C 2 . ? -5.637  1.706   -6.884  1.00 5.38  ? 33 HOH A O     1 
HETATM 175 O O     . HOH C 2 . ? -8.894  -4.090  0.697   1.00 15.59 ? 34 HOH A O     1 
HETATM 176 O O     . HOH C 2 . ? -0.739  -5.876  -5.665  1.00 26.42 ? 37 HOH A O     1 
HETATM 177 O O     . HOH C 2 . ? 1.352   8.142   -7.317  1.00 3.24  ? 41 HOH A O     1 
HETATM 178 O O     . HOH C 2 . ? -9.471  0.085   -2.737  1.00 4.12  ? 42 HOH A O     1 
HETATM 179 O O     . HOH C 2 . ? 0.333   -5.389  -7.420  0.50 3.14  ? 44 HOH A O     1 
HETATM 180 O O     . HOH C 2 . ? -9.961  -6.583  1.295   1.00 6.35  ? 47 HOH A O     1 
HETATM 181 O O     . HOH C 2 . ? -7.426  -5.170  0.285   1.00 4.86  ? 48 HOH A O     1 
HETATM 182 O O     . HOH C 2 . ? -11.826 -4.037  -0.012  1.00 2.03  ? 49 HOH A O     1 
HETATM 183 O O     . HOH C 2 . ? 8.066   0.492   -1.536  1.00 22.47 ? 52 HOH A O     1 
HETATM 184 O O     . HOH C 2 . ? -9.176  6.106   -0.358  1.00 12.55 ? 54 HOH A O     1 
HETATM 185 O O     . HOH C 2 . ? -0.500  9.993   -3.343  1.00 9.05  ? 55 HOH A O     1 
HETATM 186 O O     . HOH C 2 . ? 0.605   12.367  -4.655  1.00 14.20 ? 57 HOH A O     1 
HETATM 187 O O     . HOH C 2 . ? 10.985  7.678   0.888   1.00 6.64  ? 58 HOH A O     1 
HETATM 188 O O     . HOH C 2 . ? -6.857  5.822   -1.680  1.00 21.95 ? 60 HOH A O     1 
HETATM 189 O O     . HOH C 2 . ? 5.949   7.210   3.240   0.50 22.17 ? 62 HOH A O     1 
HETATM 190 O O     . HOH C 2 . ? 4.432   1.185   -6.627  1.00 4.78  ? 63 HOH A O     1 
HETATM 191 O O     . HOH C 2 . ? -11.217 -3.842  -2.158  1.00 6.76  ? 64 HOH A O     1 
HETATM 192 O O     . HOH C 2 . ? -7.514  -8.698  2.438   1.00 17.02 ? 68 HOH A O     1 
HETATM 193 O O     . HOH C 2 . ? -9.092  -0.683  -5.623  1.00 14.91 ? 70 HOH A O     1 
HETATM 194 O O     . HOH C 2 . ? 7.838   1.356   0.789   1.00 10.14 ? 71 HOH A O     1 
HETATM 195 O O     . HOH C 2 . ? 3.908   9.793   -4.600  1.00 16.49 ? 73 HOH A O     1 
HETATM 196 O O     . HOH C 2 . ? -8.487  6.286   -2.368  1.00 14.90 ? 74 HOH A O     1 
HETATM 197 O O     . HOH C 2 . ? -5.188  5.277   -2.080  1.00 21.11 ? 76 HOH A O     1 
HETATM 198 O O     . HOH C 2 . ? -9.918  1.443   1.637   1.00 12.50 ? 77 HOH A O     1 
HETATM 199 O O     . HOH C 2 . ? -6.554  3.153   -7.012  1.00 9.71  ? 79 HOH A O     1 
HETATM 200 O O     . HOH C 2 . ? 6.654   8.998   5.458   1.00 15.84 ? 80 HOH A O     1 
HETATM 201 O O     . HOH C 2 . ? 3.186   7.652   -7.112  1.00 19.85 ? 81 HOH A O     1 
HETATM 202 O O     . HOH C 2 . ? -6.751  2.944   2.590   1.00 17.74 ? 82 HOH A O     1 
HETATM 203 O O     . HOH C 2 . ? -5.226  1.124   -7.993  1.00 19.61 ? 84 HOH A O     1 
HETATM 204 O O     . HOH C 2 . ? -2.409  -3.518  -9.936  1.00 19.04 ? 85 HOH A O     1 
HETATM 205 O O     . HOH C 2 . ? 5.583   -0.598  -2.035  1.00 22.98 ? 89 HOH A O     1 
HETATM 206 O O     . HOH C 2 . ? -10.141 -1.921  -1.904  1.00 22.50 ? 90 HOH A O     1 
HETATM 207 O O     . HOH C 2 . ? 1.134   -2.972  -4.395  1.00 25.07 ? 91 HOH A O     1 
HETATM 208 O O     . HOH C 2 . ? -8.017  0.433   -2.050  1.00 24.40 ? 92 HOH A O     1 
HETATM 209 O O     . HOH D 2 . ? -5.788  6.943   1.823   1.00 0.10  ? 10 HOH B O     1 
HETATM 210 O O     . HOH D 2 . ? 0.399   -1.035  10.953  1.00 2.53  ? 11 HOH B O     1 
HETATM 211 O O     . HOH D 2 . ? 3.403   -1.575  3.950   1.00 20.17 ? 13 HOH B O     1 
HETATM 212 O O     . HOH D 2 . ? -5.560  -4.646  3.844   1.00 19.81 ? 14 HOH B O     1 
HETATM 213 O O     . HOH D 2 . ? -6.556  -1.523  4.627   1.00 2.48  ? 18 HOH B O     1 
HETATM 214 O O     . HOH D 2 . ? -4.508  -5.650  7.739   1.00 9.76  ? 19 HOH B O     1 
HETATM 215 O O     . HOH D 2 . ? 5.284   -2.332  -2.745  1.00 0.76  ? 21 HOH B O     1 
HETATM 216 O O     . HOH D 2 . ? 3.227   -5.831  -4.772  1.00 0.10  ? 26 HOH B O     1 
HETATM 217 O O     . HOH D 2 . ? 6.250   -1.208  2.421   1.00 7.87  ? 31 HOH B O     1 
HETATM 218 O O     . HOH D 2 . ? 7.474   -3.700  -7.599  1.00 16.83 ? 35 HOH B O     1 
HETATM 219 O O     . HOH D 2 . ? 6.298   -6.551  -4.895  1.00 10.27 ? 36 HOH B O     1 
HETATM 220 O O     . HOH D 2 . ? 2.988   3.659   11.060  1.00 7.75  ? 38 HOH B O     1 
HETATM 221 O O     . HOH D 2 . ? 9.143   0.965   2.474   1.00 0.10  ? 39 HOH B O     1 
HETATM 222 O O     . HOH D 2 . ? -4.621  3.293   7.138   1.00 1.60  ? 40 HOH B O     1 
HETATM 223 O O     . HOH D 2 . ? -5.514  0.529   5.425   1.00 11.86 ? 43 HOH B O     1 
HETATM 224 O O     . HOH D 2 . ? 6.388   -11.102 3.284   0.50 17.95 ? 45 HOH B O     1 
HETATM 225 O O     . HOH D 2 . ? 7.405   -6.088  -8.308  1.00 6.47  ? 46 HOH B O     1 
HETATM 226 O O     . HOH D 2 . ? -3.048  -6.010  5.575   1.00 6.83  ? 50 HOH B O     1 
HETATM 227 O O     . HOH D 2 . ? 2.795   -1.898  -1.494  1.00 8.36  ? 51 HOH B O     1 
HETATM 228 O O     . HOH D 2 . ? 5.028   -2.405  7.148   1.00 13.49 ? 53 HOH B O     1 
HETATM 229 O O     . HOH D 2 . ? 1.576   4.287   9.316   1.00 4.51  ? 56 HOH B O     1 
HETATM 230 O O     . HOH D 2 . ? 0.144   1.560   12.444  1.00 10.19 ? 59 HOH B O     1 
HETATM 231 O O     . HOH D 2 . ? -3.362  -1.093  8.756   1.00 8.32  ? 61 HOH B O     1 
HETATM 232 O O     . HOH D 2 . ? -4.732  6.294   0.869   1.00 5.41  ? 65 HOH B O     1 
HETATM 233 O O     . HOH D 2 . ? 4.635   -9.418  4.325   1.00 3.91  ? 66 HOH B O     1 
HETATM 234 O O     . HOH D 2 . ? 2.190   -5.323  -7.266  1.00 16.67 ? 67 HOH B O     1 
HETATM 235 O O     . HOH D 2 . ? -9.975  -7.583  4.708   1.00 18.89 ? 69 HOH B O     1 
HETATM 236 O O     . HOH D 2 . ? -1.792  1.754   11.154  1.00 9.73  ? 72 HOH B O     1 
HETATM 237 O O     . HOH D 2 . ? 2.019   3.021   2.986   1.00 14.71 ? 75 HOH B O     1 
HETATM 238 O O     . HOH D 2 . ? 3.083   -0.188  0.709   1.00 16.57 ? 78 HOH B O     1 
HETATM 239 O O     . HOH D 2 . ? 8.476   -1.903  1.309   1.00 18.13 ? 83 HOH B O     1 
HETATM 240 O O     . HOH D 2 . ? 6.680   -4.744  5.942   1.00 20.56 ? 86 HOH B O     1 
HETATM 241 O O     . HOH D 2 . ? -8.103  -5.788  5.234   1.00 19.73 ? 87 HOH B O     1 
HETATM 242 O O     . HOH D 2 . ? 5.332   -5.907  -6.299  1.00 16.38 ? 88 HOH B O     1 
# 
